data_2IZ7
#
_entry.id   2IZ7
#
_cell.length_a   67.558
_cell.length_b   124.548
_cell.length_c   74.793
_cell.angle_alpha   90.00
_cell.angle_beta   90.00
_cell.angle_gamma   90.00
#
_symmetry.space_group_name_H-M   'C 2 2 21'
#
loop_
_entity.id
_entity.type
_entity.pdbx_description
1 polymer 'MOCO CARRIER PROTEIN'
2 water water
#
_entity_poly.entity_id   1
_entity_poly.type   'polypeptide(L)'
_entity_poly.pdbx_seq_one_letter_code
;HHHHHHGCMSGRKPIIGVMGPGKADTAENQLVMANELGKQIATHGWILLTGGRSLGVMHEAMKGAKEAGGTTIGVLPGPD
TSEISDAVDIPIVTGLGSARDNINALSSNVLVAVGMGPGTAAEVALALKAKKPVVLLGTQPEAEKFFTSLDAGLVHVAAD
VAGAIAAVKQLLAKLN
;
_entity_poly.pdbx_strand_id   A,B
#
# COMPACT_ATOMS: atom_id res chain seq x y z
N ARG A 12 -7.16 -0.76 -28.60
CA ARG A 12 -7.18 -1.21 -27.17
C ARG A 12 -8.07 -0.29 -26.31
N LYS A 13 -9.18 -0.82 -25.81
CA LYS A 13 -10.03 -0.11 -24.84
C LYS A 13 -9.19 0.26 -23.61
N PRO A 14 -9.26 1.53 -23.14
CA PRO A 14 -8.71 1.93 -21.86
C PRO A 14 -9.29 1.06 -20.75
N ILE A 15 -8.47 0.70 -19.75
CA ILE A 15 -8.89 -0.04 -18.57
C ILE A 15 -8.85 0.91 -17.40
N ILE A 16 -10.00 1.12 -16.77
CA ILE A 16 -10.09 1.92 -15.55
C ILE A 16 -10.26 1.12 -14.28
N GLY A 17 -9.37 1.34 -13.33
CA GLY A 17 -9.38 0.67 -12.06
C GLY A 17 -10.19 1.35 -11.01
N VAL A 18 -10.91 0.59 -10.22
CA VAL A 18 -11.72 1.12 -9.14
C VAL A 18 -11.33 0.32 -7.89
N MET A 19 -11.13 1.00 -6.78
N MET A 19 -11.05 1.03 -6.80
CA MET A 19 -10.83 0.36 -5.51
CA MET A 19 -10.76 0.42 -5.50
C MET A 19 -11.60 1.09 -4.43
C MET A 19 -11.68 1.09 -4.47
N GLY A 20 -12.05 0.34 -3.43
CA GLY A 20 -12.82 0.92 -2.34
C GLY A 20 -12.83 -0.09 -1.26
N PRO A 21 -13.21 0.34 -0.06
CA PRO A 21 -13.31 -0.63 1.06
C PRO A 21 -14.41 -1.67 0.82
N GLY A 22 -14.28 -2.84 1.42
CA GLY A 22 -15.35 -3.83 1.39
C GLY A 22 -16.47 -3.56 2.39
N LYS A 23 -17.56 -4.29 2.22
CA LYS A 23 -18.91 -3.96 2.77
C LYS A 23 -19.04 -3.08 4.03
N ALA A 24 -18.57 -3.59 5.18
CA ALA A 24 -18.99 -3.06 6.49
C ALA A 24 -18.44 -1.68 6.89
N ASP A 25 -17.43 -1.18 6.15
CA ASP A 25 -16.74 0.10 6.41
C ASP A 25 -16.86 1.06 5.19
N THR A 26 -18.11 1.21 4.74
CA THR A 26 -18.49 1.88 3.50
C THR A 26 -19.79 2.65 3.68
N ALA A 27 -19.74 3.97 3.60
CA ALA A 27 -20.97 4.75 3.69
C ALA A 27 -21.79 4.51 2.41
N GLU A 28 -23.10 4.58 2.53
CA GLU A 28 -24.00 4.43 1.38
C GLU A 28 -23.77 5.44 0.26
N ASN A 29 -23.33 6.65 0.61
CA ASN A 29 -23.03 7.62 -0.41
C ASN A 29 -21.96 7.03 -1.32
N GLN A 30 -21.03 6.26 -0.74
CA GLN A 30 -19.96 5.66 -1.51
C GLN A 30 -20.39 4.50 -2.40
N LEU A 31 -21.38 3.75 -1.99
CA LEU A 31 -21.93 2.70 -2.85
C LEU A 31 -22.63 3.30 -4.06
N VAL A 32 -23.35 4.41 -3.83
CA VAL A 32 -24.06 5.17 -4.90
C VAL A 32 -23.04 5.73 -5.90
N MET A 33 -22.02 6.36 -5.34
CA MET A 33 -20.93 6.95 -6.12
C MET A 33 -20.20 5.90 -6.93
N ALA A 34 -19.93 4.76 -6.30
CA ALA A 34 -19.37 3.63 -6.95
C ALA A 34 -20.20 3.10 -8.12
N ASN A 35 -21.48 2.89 -7.89
CA ASN A 35 -22.33 2.39 -8.97
C ASN A 35 -22.42 3.35 -10.19
N GLU A 36 -22.49 4.65 -9.91
CA GLU A 36 -22.65 5.74 -10.91
C GLU A 36 -21.36 5.88 -11.73
N LEU A 37 -20.21 5.85 -11.01
CA LEU A 37 -18.90 5.79 -11.61
C LEU A 37 -18.80 4.58 -12.53
N GLY A 38 -19.18 3.42 -12.00
CA GLY A 38 -19.31 2.17 -12.78
C GLY A 38 -20.03 2.42 -14.09
N LYS A 39 -21.23 2.95 -13.97
CA LYS A 39 -22.05 3.37 -15.12
C LYS A 39 -21.30 4.15 -16.16
N GLN A 40 -20.62 5.18 -15.69
CA GLN A 40 -20.01 6.15 -16.56
C GLN A 40 -18.71 5.65 -17.10
N ILE A 41 -18.07 4.74 -16.39
CA ILE A 41 -16.89 4.07 -16.92
C ILE A 41 -17.31 3.28 -18.15
N ALA A 42 -18.39 2.51 -18.04
CA ALA A 42 -18.91 1.70 -19.11
C ALA A 42 -19.43 2.59 -20.20
N THR A 43 -20.14 3.63 -19.82
CA THR A 43 -20.72 4.53 -20.81
C THR A 43 -19.66 5.14 -21.71
N HIS A 44 -18.46 5.38 -21.18
CA HIS A 44 -17.35 5.95 -21.97
C HIS A 44 -16.60 4.92 -22.82
N GLY A 45 -17.06 3.67 -22.86
CA GLY A 45 -16.36 2.60 -23.59
C GLY A 45 -15.09 2.07 -22.95
N TRP A 46 -14.98 2.21 -21.64
CA TRP A 46 -13.79 1.79 -20.91
C TRP A 46 -14.10 0.49 -20.21
N ILE A 47 -13.07 -0.33 -20.03
CA ILE A 47 -13.17 -1.55 -19.24
C ILE A 47 -12.97 -1.18 -17.79
N LEU A 48 -13.84 -1.72 -16.95
CA LEU A 48 -13.71 -1.63 -15.54
C LEU A 48 -12.94 -2.82 -15.01
N LEU A 49 -11.90 -2.54 -14.24
CA LEU A 49 -11.16 -3.53 -13.58
C LEU A 49 -11.29 -3.29 -12.08
N THR A 50 -11.79 -4.27 -11.34
CA THR A 50 -11.95 -4.11 -9.92
C THR A 50 -11.89 -5.49 -9.27
N GLY A 51 -12.03 -5.57 -7.94
CA GLY A 51 -12.06 -6.85 -7.22
C GLY A 51 -13.38 -7.52 -7.54
N GLY A 52 -13.37 -8.83 -7.71
CA GLY A 52 -14.57 -9.54 -8.15
C GLY A 52 -15.38 -10.09 -7.00
N ARG A 53 -15.05 -9.63 -5.79
CA ARG A 53 -15.48 -10.23 -4.54
C ARG A 53 -16.91 -9.90 -4.10
N SER A 54 -17.59 -9.05 -4.88
CA SER A 54 -19.07 -8.87 -4.81
C SER A 54 -19.62 -8.31 -3.48
N LEU A 55 -18.94 -7.30 -2.92
CA LEU A 55 -19.47 -6.70 -1.69
C LEU A 55 -19.72 -5.19 -1.71
N GLY A 56 -18.68 -4.40 -1.52
CA GLY A 56 -18.88 -2.98 -1.25
C GLY A 56 -18.75 -2.15 -2.51
N VAL A 57 -18.00 -1.07 -2.40
CA VAL A 57 -17.71 -0.15 -3.53
C VAL A 57 -17.49 -0.89 -4.87
N MET A 58 -16.72 -1.97 -4.86
CA MET A 58 -16.31 -2.60 -6.10
C MET A 58 -17.43 -3.35 -6.83
N HIS A 59 -18.24 -4.05 -6.05
CA HIS A 59 -19.37 -4.76 -6.54
C HIS A 59 -20.33 -3.79 -7.23
N GLU A 60 -20.64 -2.72 -6.52
CA GLU A 60 -21.44 -1.64 -7.05
C GLU A 60 -20.92 -1.06 -8.36
N ALA A 61 -19.62 -0.78 -8.43
CA ALA A 61 -19.03 -0.29 -9.67
C ALA A 61 -19.29 -1.26 -10.81
N MET A 62 -19.03 -2.53 -10.57
CA MET A 62 -19.31 -3.59 -11.48
C MET A 62 -20.76 -3.76 -11.91
N LYS A 63 -21.69 -3.75 -10.96
CA LYS A 63 -23.12 -3.71 -11.28
C LYS A 63 -23.42 -2.54 -12.24
N GLY A 64 -22.92 -1.35 -11.89
CA GLY A 64 -23.10 -0.14 -12.69
C GLY A 64 -22.53 -0.32 -14.08
N ALA A 65 -21.30 -0.82 -14.18
CA ALA A 65 -20.65 -0.95 -15.50
C ALA A 65 -21.41 -1.92 -16.41
N LYS A 66 -21.85 -3.01 -15.80
CA LYS A 66 -22.50 -4.10 -16.48
C LYS A 66 -23.92 -3.68 -16.95
N GLU A 67 -24.64 -3.01 -16.06
CA GLU A 67 -25.95 -2.42 -16.40
C GLU A 67 -25.88 -1.49 -17.61
N ALA A 68 -24.77 -0.77 -17.75
CA ALA A 68 -24.59 0.23 -18.80
C ALA A 68 -23.86 -0.34 -20.03
N GLY A 69 -23.67 -1.66 -20.04
CA GLY A 69 -23.17 -2.38 -21.23
C GLY A 69 -21.67 -2.58 -21.24
N GLY A 70 -21.02 -2.18 -20.15
CA GLY A 70 -19.59 -2.25 -20.04
C GLY A 70 -19.04 -3.63 -19.77
N THR A 71 -17.76 -3.77 -20.10
CA THR A 71 -17.05 -4.99 -19.87
C THR A 71 -16.34 -4.84 -18.54
N THR A 72 -16.42 -5.88 -17.73
CA THR A 72 -15.87 -5.87 -16.40
C THR A 72 -14.81 -6.95 -16.17
N ILE A 73 -13.84 -6.63 -15.35
CA ILE A 73 -12.84 -7.57 -14.96
C ILE A 73 -12.77 -7.62 -13.43
N GLY A 74 -12.90 -8.84 -12.93
CA GLY A 74 -13.00 -9.11 -11.52
C GLY A 74 -11.77 -9.89 -11.11
N VAL A 75 -10.93 -9.23 -10.33
CA VAL A 75 -9.79 -9.86 -9.72
C VAL A 75 -10.20 -10.57 -8.40
N LEU A 76 -9.83 -11.85 -8.31
CA LEU A 76 -9.95 -12.67 -7.09
C LEU A 76 -8.64 -13.39 -6.76
N PRO A 77 -8.42 -13.69 -5.48
CA PRO A 77 -7.26 -14.52 -5.10
C PRO A 77 -7.43 -16.02 -5.39
N GLY A 78 -8.53 -16.61 -4.90
CA GLY A 78 -8.62 -18.06 -4.72
C GLY A 78 -9.98 -18.61 -5.16
N PRO A 79 -10.21 -19.95 -4.91
CA PRO A 79 -11.34 -20.82 -5.31
C PRO A 79 -12.70 -20.12 -5.49
N ASP A 80 -12.94 -19.66 -6.74
CA ASP A 80 -13.86 -18.55 -7.04
C ASP A 80 -15.36 -18.85 -6.87
N THR A 81 -15.78 -19.02 -5.62
CA THR A 81 -17.20 -19.22 -5.27
C THR A 81 -17.91 -17.87 -5.15
N ILE A 84 -17.77 -14.06 -6.19
CA ILE A 84 -17.73 -13.76 -7.64
C ILE A 84 -19.12 -13.43 -8.18
N SER A 85 -19.44 -12.12 -8.19
CA SER A 85 -20.72 -11.61 -8.70
C SER A 85 -20.89 -11.98 -10.17
N ASP A 86 -22.14 -12.07 -10.66
CA ASP A 86 -22.41 -12.21 -12.11
C ASP A 86 -22.14 -10.89 -12.85
N ALA A 87 -21.93 -9.83 -12.10
CA ALA A 87 -21.43 -8.57 -12.68
C ALA A 87 -20.02 -8.70 -13.29
N VAL A 88 -19.27 -9.77 -12.94
CA VAL A 88 -17.95 -10.02 -13.51
C VAL A 88 -18.04 -10.75 -14.86
N ASP A 89 -17.35 -10.24 -15.85
CA ASP A 89 -17.26 -10.87 -17.17
C ASP A 89 -16.05 -11.76 -17.24
N ILE A 90 -14.94 -11.19 -16.78
CA ILE A 90 -13.64 -11.81 -16.86
C ILE A 90 -13.08 -11.88 -15.43
N PRO A 91 -13.15 -13.07 -14.82
CA PRO A 91 -12.49 -13.25 -13.53
C PRO A 91 -11.01 -13.55 -13.72
N ILE A 92 -10.15 -12.73 -13.13
CA ILE A 92 -8.74 -13.04 -13.02
C ILE A 92 -8.48 -13.59 -11.64
N VAL A 93 -8.20 -14.88 -11.56
CA VAL A 93 -7.93 -15.56 -10.29
C VAL A 93 -6.40 -15.60 -10.14
N THR A 94 -5.90 -14.97 -9.08
CA THR A 94 -4.47 -14.64 -8.98
C THR A 94 -3.64 -15.67 -8.19
N GLY A 95 -4.30 -16.37 -7.25
CA GLY A 95 -3.63 -17.38 -6.44
C GLY A 95 -2.98 -16.85 -5.18
N LEU A 96 -3.01 -15.53 -5.00
CA LEU A 96 -2.30 -14.88 -3.92
C LEU A 96 -3.26 -14.76 -2.74
N GLY A 97 -2.97 -13.84 -1.84
CA GLY A 97 -3.74 -13.78 -0.63
C GLY A 97 -4.88 -12.79 -0.70
N SER A 98 -5.56 -12.72 0.45
CA SER A 98 -6.39 -11.58 0.85
C SER A 98 -5.48 -10.55 1.56
N ALA A 99 -4.17 -10.68 1.38
CA ALA A 99 -3.25 -9.59 1.67
C ALA A 99 -3.61 -8.35 0.85
N ARG A 100 -3.84 -8.52 -0.32
CA ARG A 100 -4.46 -7.47 -1.11
C ARG A 100 -5.77 -7.93 -1.73
N ASP A 101 -6.18 -7.29 -2.82
CA ASP A 101 -5.53 -6.06 -3.25
C ASP A 101 -4.39 -6.35 -4.23
N ASN A 102 -4.23 -7.63 -4.58
CA ASN A 102 -2.99 -8.10 -5.18
C ASN A 102 -3.03 -8.06 -6.70
N ILE A 103 -2.03 -7.42 -7.31
CA ILE A 103 -2.01 -5.97 -7.43
C ILE A 103 -2.02 -5.54 -8.89
N ASN A 104 -3.07 -5.96 -9.61
CA ASN A 104 -3.05 -5.93 -11.07
C ASN A 104 -3.39 -4.56 -11.64
N ALA A 105 -3.65 -3.61 -10.75
CA ALA A 105 -3.89 -2.23 -11.16
C ALA A 105 -2.59 -1.54 -11.56
N LEU A 106 -1.80 -2.52 -11.92
CA LEU A 106 -0.67 -2.05 -12.79
C LEU A 106 -1.13 -2.18 -14.27
N SER A 107 -2.35 -2.65 -14.40
CA SER A 107 -3.02 -2.91 -15.66
C SER A 107 -3.94 -1.75 -16.09
N SER A 108 -4.46 -1.01 -15.12
CA SER A 108 -5.36 0.13 -15.34
C SER A 108 -4.59 1.31 -15.91
N ASN A 109 -5.23 2.12 -16.76
CA ASN A 109 -4.63 3.39 -17.19
C ASN A 109 -4.73 4.41 -16.09
N VAL A 110 -5.89 4.42 -15.44
CA VAL A 110 -6.13 5.27 -14.31
C VAL A 110 -6.81 4.42 -13.29
N LEU A 111 -6.57 4.78 -12.03
CA LEU A 111 -7.18 4.17 -10.87
C LEU A 111 -8.09 5.15 -10.26
N VAL A 112 -9.24 4.69 -9.83
CA VAL A 112 -10.15 5.52 -9.03
C VAL A 112 -10.39 4.84 -7.70
N ALA A 113 -10.03 5.52 -6.62
CA ALA A 113 -10.42 5.17 -5.29
C ALA A 113 -11.75 5.85 -4.94
N VAL A 114 -12.67 5.09 -4.39
CA VAL A 114 -13.95 5.59 -3.88
C VAL A 114 -13.98 5.17 -2.40
N GLY A 115 -13.81 6.09 -1.49
CA GLY A 115 -13.65 5.75 -0.09
C GLY A 115 -12.24 5.25 0.16
N MET A 116 -12.01 4.70 1.33
CA MET A 116 -10.65 4.47 1.81
C MET A 116 -10.66 3.59 3.03
N GLY A 117 -9.59 2.83 3.19
CA GLY A 117 -9.37 1.89 4.26
C GLY A 117 -8.00 1.31 3.93
N PRO A 118 -7.44 0.48 4.81
CA PRO A 118 -6.08 -0.09 4.61
C PRO A 118 -5.78 -0.69 3.25
N GLY A 119 -6.63 -1.60 2.77
CA GLY A 119 -6.45 -2.17 1.44
C GLY A 119 -6.40 -1.18 0.32
N THR A 120 -7.31 -0.22 0.33
CA THR A 120 -7.36 0.81 -0.66
C THR A 120 -6.14 1.73 -0.62
N ALA A 121 -5.73 2.13 0.57
CA ALA A 121 -4.54 2.95 0.80
C ALA A 121 -3.28 2.29 0.16
N ALA A 122 -3.11 0.97 0.38
CA ALA A 122 -2.02 0.19 -0.16
C ALA A 122 -1.98 0.18 -1.65
N GLU A 123 -3.13 -0.02 -2.28
CA GLU A 123 -3.22 0.03 -3.74
C GLU A 123 -3.06 1.36 -4.33
N VAL A 124 -3.58 2.38 -3.69
CA VAL A 124 -3.28 3.76 -4.12
C VAL A 124 -1.74 4.07 -4.10
N ALA A 125 -1.10 3.71 -3.00
CA ALA A 125 0.33 3.94 -2.85
C ALA A 125 1.14 3.21 -3.95
N LEU A 126 0.77 1.94 -4.18
CA LEU A 126 1.40 1.09 -5.16
C LEU A 126 1.25 1.60 -6.62
N ALA A 127 0.12 2.20 -6.89
CA ALA A 127 -0.16 2.85 -8.16
C ALA A 127 0.64 4.16 -8.25
N LEU A 128 0.76 4.91 -7.17
CA LEU A 128 1.65 6.06 -7.19
C LEU A 128 3.10 5.63 -7.41
N LYS A 129 3.52 4.58 -6.71
CA LYS A 129 4.81 4.02 -6.93
C LYS A 129 5.03 3.55 -8.38
N ALA A 130 3.98 3.02 -9.01
CA ALA A 130 3.98 2.62 -10.41
C ALA A 130 3.88 3.81 -11.38
N LYS A 131 3.80 5.02 -10.82
CA LYS A 131 3.66 6.28 -11.57
C LYS A 131 2.39 6.33 -12.38
N LYS A 132 1.35 5.79 -11.81
CA LYS A 132 0.04 5.82 -12.43
C LYS A 132 -0.78 6.87 -11.70
N PRO A 133 -1.68 7.56 -12.44
CA PRO A 133 -2.54 8.57 -11.84
C PRO A 133 -3.73 7.95 -11.11
N VAL A 134 -4.13 8.59 -10.04
CA VAL A 134 -5.13 8.07 -9.15
C VAL A 134 -6.07 9.20 -8.91
N VAL A 135 -7.35 8.90 -8.99
CA VAL A 135 -8.38 9.80 -8.63
C VAL A 135 -8.98 9.34 -7.32
N LEU A 136 -9.13 10.26 -6.40
CA LEU A 136 -9.57 10.00 -5.07
C LEU A 136 -10.98 10.58 -4.95
N LEU A 137 -11.97 9.71 -4.78
CA LEU A 137 -13.36 10.11 -4.69
C LEU A 137 -13.99 9.57 -3.39
N GLY A 138 -14.68 10.43 -2.65
CA GLY A 138 -15.25 10.02 -1.36
C GLY A 138 -14.23 9.79 -0.27
N THR A 139 -13.01 10.25 -0.43
CA THR A 139 -12.02 10.03 0.65
C THR A 139 -11.98 11.28 1.54
N GLN A 140 -11.29 11.21 2.66
CA GLN A 140 -11.34 12.34 3.54
C GLN A 140 -10.12 13.20 3.36
N PRO A 141 -10.18 14.45 3.86
CA PRO A 141 -8.99 15.32 3.87
C PRO A 141 -7.68 14.61 4.19
N GLU A 142 -7.65 13.73 5.19
CA GLU A 142 -6.37 13.15 5.63
C GLU A 142 -5.72 12.38 4.49
N ALA A 143 -6.55 11.55 3.84
CA ALA A 143 -6.15 10.77 2.68
C ALA A 143 -5.73 11.65 1.50
N GLU A 144 -6.53 12.65 1.17
CA GLU A 144 -6.24 13.52 0.02
C GLU A 144 -4.88 14.21 0.13
N LYS A 145 -4.58 14.67 1.33
CA LYS A 145 -3.36 15.39 1.62
C LYS A 145 -2.11 14.51 1.63
N PHE A 146 -2.25 13.38 2.32
CA PHE A 146 -1.22 12.39 2.36
C PHE A 146 -0.87 11.94 0.97
N PHE A 147 -1.84 11.59 0.15
CA PHE A 147 -1.52 11.05 -1.16
C PHE A 147 -0.99 12.11 -2.06
N THR A 148 -1.54 13.30 -1.97
CA THR A 148 -1.02 14.45 -2.73
C THR A 148 0.42 14.76 -2.28
N SER A 149 0.70 14.64 -0.99
CA SER A 149 2.09 14.73 -0.54
C SER A 149 2.99 13.62 -1.14
N LEU A 150 2.48 12.41 -1.41
CA LEU A 150 3.33 11.39 -2.03
C LEU A 150 3.74 11.75 -3.47
N ASP A 151 2.81 12.30 -4.23
CA ASP A 151 3.00 12.65 -5.65
C ASP A 151 1.88 13.59 -6.07
N ALA A 152 2.09 14.88 -5.96
CA ALA A 152 1.08 15.84 -6.30
C ALA A 152 0.70 15.80 -7.77
N GLY A 153 1.65 15.41 -8.62
CA GLY A 153 1.43 15.30 -10.05
C GLY A 153 0.56 14.15 -10.48
N LEU A 154 0.40 13.15 -9.63
CA LEU A 154 -0.37 11.93 -9.99
C LEU A 154 -1.72 11.78 -9.32
N VAL A 155 -1.96 12.55 -8.25
CA VAL A 155 -3.16 12.49 -7.44
C VAL A 155 -4.13 13.61 -7.79
N HIS A 156 -5.39 13.21 -8.00
CA HIS A 156 -6.47 14.08 -8.42
C HIS A 156 -7.58 13.80 -7.43
N VAL A 157 -8.01 14.82 -6.76
CA VAL A 157 -9.13 14.76 -5.86
C VAL A 157 -10.32 15.19 -6.68
N ALA A 158 -11.40 14.42 -6.59
CA ALA A 158 -12.63 14.70 -7.29
C ALA A 158 -13.72 14.84 -6.27
N ALA A 159 -14.54 15.88 -6.45
CA ALA A 159 -15.66 16.20 -5.58
C ALA A 159 -16.81 15.22 -5.73
N ASP A 160 -16.95 14.63 -6.92
CA ASP A 160 -18.12 13.81 -7.22
C ASP A 160 -17.77 12.97 -8.41
N VAL A 161 -18.70 12.09 -8.81
CA VAL A 161 -18.48 11.18 -9.93
C VAL A 161 -18.13 11.87 -11.28
N ALA A 162 -18.88 12.91 -11.60
CA ALA A 162 -18.64 13.70 -12.81
C ALA A 162 -17.20 14.22 -12.83
N GLY A 163 -16.78 14.80 -11.73
CA GLY A 163 -15.44 15.22 -11.56
C GLY A 163 -14.44 14.10 -11.72
N ALA A 164 -14.68 12.99 -11.04
CA ALA A 164 -13.83 11.80 -11.22
C ALA A 164 -13.73 11.40 -12.72
N ILE A 165 -14.86 11.34 -13.41
CA ILE A 165 -14.92 10.89 -14.80
C ILE A 165 -14.22 11.88 -15.75
N ALA A 166 -14.30 13.15 -15.44
CA ALA A 166 -13.60 14.24 -16.16
C ALA A 166 -12.10 14.13 -16.00
N ALA A 167 -11.65 13.89 -14.77
CA ALA A 167 -10.24 13.64 -14.49
C ALA A 167 -9.72 12.50 -15.33
N VAL A 168 -10.48 11.41 -15.40
CA VAL A 168 -10.07 10.23 -16.16
C VAL A 168 -9.96 10.49 -17.67
N LYS A 169 -11.02 11.06 -18.21
CA LYS A 169 -11.10 11.41 -19.62
C LYS A 169 -9.84 12.21 -20.03
N GLN A 170 -9.52 13.21 -19.23
CA GLN A 170 -8.39 14.10 -19.45
C GLN A 170 -7.08 13.35 -19.37
N LEU A 171 -6.91 12.54 -18.34
CA LEU A 171 -5.69 11.77 -18.21
C LEU A 171 -5.55 10.85 -19.40
N LEU A 172 -6.64 10.24 -19.84
CA LEU A 172 -6.58 9.41 -21.03
C LEU A 172 -6.22 10.20 -22.31
N ALA A 173 -6.74 11.41 -22.44
CA ALA A 173 -6.49 12.23 -23.63
C ALA A 173 -5.00 12.55 -23.81
N LYS A 174 -4.35 12.68 -22.64
CA LYS A 174 -2.95 13.05 -22.65
C LYS A 174 -2.09 11.87 -23.05
N LEU A 175 -2.58 10.53 -22.99
CA LEU A 175 -1.81 9.27 -23.14
C LEU A 175 -1.75 8.73 -24.59
N ARG B 12 11.89 -18.30 19.94
CA ARG B 12 12.19 -17.48 18.71
C ARG B 12 12.47 -16.02 19.04
N LYS B 13 13.53 -15.44 18.46
CA LYS B 13 13.77 -14.02 18.64
C LYS B 13 12.64 -13.31 17.91
N PRO B 14 12.12 -12.24 18.52
CA PRO B 14 11.22 -11.39 17.78
C PRO B 14 11.85 -10.95 16.47
N ILE B 15 11.04 -10.91 15.42
CA ILE B 15 11.45 -10.33 14.16
C ILE B 15 10.88 -8.89 14.04
N ILE B 16 11.77 -7.89 13.91
CA ILE B 16 11.36 -6.50 13.74
C ILE B 16 11.53 -6.09 12.28
N GLY B 17 10.42 -5.73 11.67
CA GLY B 17 10.38 -5.31 10.29
C GLY B 17 10.66 -3.83 10.18
N VAL B 18 11.62 -3.48 9.31
CA VAL B 18 11.94 -2.11 8.98
C VAL B 18 11.60 -1.77 7.50
N MET B 19 10.80 -0.71 7.33
CA MET B 19 10.45 -0.17 6.03
C MET B 19 10.84 1.31 5.97
N GLY B 20 11.16 1.77 4.78
CA GLY B 20 11.50 3.12 4.60
C GLY B 20 11.88 3.35 3.17
N PRO B 21 12.03 4.63 2.76
CA PRO B 21 12.43 4.87 1.40
C PRO B 21 13.87 4.45 1.04
N GLY B 22 14.12 4.64 -0.24
CA GLY B 22 15.34 4.22 -0.90
C GLY B 22 16.36 5.32 -0.88
N LYS B 23 17.46 5.05 -1.57
CA LYS B 23 18.63 5.97 -1.51
C LYS B 23 18.26 7.43 -1.81
N ALA B 24 17.71 7.65 -3.00
CA ALA B 24 17.25 8.98 -3.44
C ALA B 24 16.31 9.74 -2.48
N ASP B 25 15.43 9.04 -1.78
CA ASP B 25 14.33 9.69 -1.07
C ASP B 25 14.49 9.62 0.43
N THR B 26 15.56 9.01 0.92
CA THR B 26 15.83 9.01 2.32
C THR B 26 16.67 10.27 2.67
N ALA B 27 16.14 11.08 3.59
CA ALA B 27 16.84 12.27 4.10
C ALA B 27 18.00 11.82 4.96
N GLU B 28 18.94 12.71 5.16
CA GLU B 28 20.16 12.39 5.88
C GLU B 28 19.88 12.08 7.35
N ASN B 29 18.95 12.83 7.93
CA ASN B 29 18.52 12.57 9.30
C ASN B 29 17.84 11.19 9.42
N GLN B 30 17.18 10.76 8.35
CA GLN B 30 16.52 9.48 8.30
C GLN B 30 17.49 8.30 8.16
N LEU B 31 18.56 8.50 7.40
CA LEU B 31 19.68 7.56 7.43
C LEU B 31 20.24 7.34 8.81
N VAL B 32 20.50 8.44 9.51
CA VAL B 32 21.07 8.36 10.85
C VAL B 32 20.09 7.65 11.78
N MET B 33 18.81 8.00 11.75
CA MET B 33 17.86 7.28 12.57
C MET B 33 17.73 5.79 12.22
N ALA B 34 17.76 5.46 10.92
CA ALA B 34 17.59 4.07 10.48
C ALA B 34 18.76 3.27 10.95
N ASN B 35 19.96 3.82 10.81
CA ASN B 35 21.16 3.17 11.36
C ASN B 35 21.07 2.96 12.87
N GLU B 36 20.65 3.98 13.58
CA GLU B 36 20.54 3.89 15.05
C GLU B 36 19.46 2.88 15.47
N LEU B 37 18.34 2.87 14.75
CA LEU B 37 17.26 1.87 14.95
C LEU B 37 17.73 0.43 14.70
N GLY B 38 18.45 0.20 13.61
CA GLY B 38 19.06 -1.07 13.38
C GLY B 38 19.87 -1.57 14.56
N LYS B 39 20.74 -0.70 15.06
CA LYS B 39 21.59 -0.97 16.23
C LYS B 39 20.83 -1.39 17.44
N GLN B 40 19.76 -0.66 17.72
CA GLN B 40 18.96 -0.89 18.89
C GLN B 40 18.10 -2.16 18.74
N ILE B 41 17.67 -2.46 17.53
CA ILE B 41 17.02 -3.74 17.25
C ILE B 41 17.89 -4.92 17.62
N ALA B 42 19.12 -4.87 17.19
CA ALA B 42 20.14 -5.88 17.51
C ALA B 42 20.44 -5.92 19.02
N THR B 43 20.58 -4.76 19.65
CA THR B 43 21.06 -4.72 21.04
C THR B 43 19.96 -5.28 21.94
N HIS B 44 18.71 -5.22 21.47
CA HIS B 44 17.57 -5.76 22.23
C HIS B 44 17.32 -7.26 21.95
N GLY B 45 18.20 -7.90 21.19
CA GLY B 45 18.07 -9.32 20.92
C GLY B 45 17.03 -9.65 19.86
N TRP B 46 16.67 -8.70 19.00
CA TRP B 46 15.68 -8.99 17.96
C TRP B 46 16.33 -9.21 16.62
N ILE B 47 15.65 -9.96 15.76
CA ILE B 47 16.12 -10.11 14.36
C ILE B 47 15.59 -8.93 13.55
N LEU B 48 16.44 -8.36 12.70
CA LEU B 48 15.99 -7.34 11.78
C LEU B 48 15.57 -7.92 10.41
N LEU B 49 14.35 -7.61 10.04
CA LEU B 49 13.88 -7.94 8.71
C LEU B 49 13.63 -6.68 7.91
N THR B 50 14.30 -6.60 6.76
CA THR B 50 14.13 -5.46 5.89
C THR B 50 14.43 -5.81 4.42
N GLY B 51 14.27 -4.83 3.54
CA GLY B 51 14.54 -4.96 2.11
C GLY B 51 16.02 -5.21 1.93
N GLY B 52 16.34 -6.11 1.04
CA GLY B 52 17.71 -6.62 0.96
C GLY B 52 18.50 -6.02 -0.18
N ARG B 53 17.82 -5.25 -1.02
CA ARG B 53 18.48 -4.55 -2.13
C ARG B 53 18.49 -3.04 -1.96
N SER B 54 17.56 -2.52 -1.18
CA SER B 54 17.27 -1.10 -1.10
C SER B 54 18.24 -0.33 -0.20
N LEU B 55 18.84 0.73 -0.76
CA LEU B 55 19.96 1.49 -0.17
C LEU B 55 19.70 2.84 0.56
N GLY B 56 18.49 3.15 0.96
CA GLY B 56 18.32 4.21 1.95
C GLY B 56 18.18 3.60 3.35
N VAL B 57 17.06 3.90 3.97
CA VAL B 57 16.69 3.40 5.27
C VAL B 57 17.00 1.93 5.51
N MET B 58 16.64 1.07 4.58
CA MET B 58 16.75 -0.36 4.79
C MET B 58 18.19 -0.85 4.88
N HIS B 59 19.04 -0.30 4.03
CA HIS B 59 20.46 -0.58 4.08
C HIS B 59 21.06 -0.03 5.36
N GLU B 60 20.62 1.13 5.78
CA GLU B 60 21.18 1.72 6.98
C GLU B 60 20.80 0.93 8.20
N ALA B 61 19.55 0.48 8.21
CA ALA B 61 19.03 -0.32 9.33
C ALA B 61 19.84 -1.62 9.46
N MET B 62 19.95 -2.33 8.38
CA MET B 62 20.72 -3.53 8.30
C MET B 62 22.21 -3.34 8.65
N LYS B 63 22.81 -2.26 8.17
CA LYS B 63 24.19 -1.97 8.50
C LYS B 63 24.31 -1.71 10.01
N GLY B 64 23.31 -1.06 10.57
CA GLY B 64 23.26 -0.82 11.99
C GLY B 64 23.14 -2.08 12.81
N ALA B 65 22.15 -2.93 12.48
CA ALA B 65 21.93 -4.20 13.22
C ALA B 65 23.24 -5.02 13.28
N LYS B 66 23.86 -5.10 12.11
CA LYS B 66 25.09 -5.81 11.87
C LYS B 66 26.27 -5.32 12.68
N GLU B 67 26.44 -3.99 12.76
CA GLU B 67 27.54 -3.47 13.55
C GLU B 67 27.34 -3.82 15.01
N ALA B 68 26.08 -3.81 15.44
CA ALA B 68 25.71 -4.21 16.82
C ALA B 68 25.65 -5.72 17.04
N GLY B 69 26.12 -6.50 16.07
CA GLY B 69 26.13 -7.97 16.16
C GLY B 69 24.75 -8.59 15.99
N GLY B 70 23.81 -7.86 15.42
CA GLY B 70 22.49 -8.40 15.15
C GLY B 70 22.42 -9.33 13.94
N THR B 71 21.37 -10.14 13.96
CA THR B 71 21.05 -11.08 12.90
C THR B 71 20.05 -10.39 11.94
N THR B 72 20.33 -10.47 10.63
CA THR B 72 19.50 -9.77 9.62
C THR B 72 18.92 -10.71 8.53
N ILE B 73 17.67 -10.42 8.19
CA ILE B 73 17.02 -11.04 7.07
C ILE B 73 16.74 -9.95 6.00
N GLY B 74 17.27 -10.18 4.81
CA GLY B 74 17.07 -9.27 3.70
C GLY B 74 16.16 -9.94 2.73
N VAL B 75 15.04 -9.30 2.45
CA VAL B 75 14.15 -9.70 1.39
C VAL B 75 14.50 -8.96 0.11
N LEU B 76 14.64 -9.71 -0.98
CA LEU B 76 15.00 -9.15 -2.27
C LEU B 76 14.15 -9.78 -3.38
N PRO B 77 13.76 -8.99 -4.40
CA PRO B 77 12.89 -9.48 -5.50
C PRO B 77 13.51 -10.58 -6.36
N GLY B 78 14.83 -10.60 -6.43
CA GLY B 78 15.47 -11.56 -7.27
C GLY B 78 16.98 -11.50 -7.23
N PRO B 79 17.62 -12.28 -8.13
CA PRO B 79 19.02 -12.11 -8.45
C PRO B 79 19.10 -11.16 -9.66
N ASP B 80 20.24 -10.47 -9.87
CA ASP B 80 21.41 -10.48 -8.97
C ASP B 80 21.84 -9.08 -8.55
N THR B 81 21.39 -8.05 -9.28
CA THR B 81 21.78 -6.65 -9.03
C THR B 81 23.29 -6.54 -8.72
N ILE B 84 24.84 -9.19 -3.23
CA ILE B 84 24.15 -8.65 -2.06
C ILE B 84 25.07 -8.32 -0.89
N SER B 85 24.63 -7.35 -0.09
CA SER B 85 25.39 -6.84 1.04
C SER B 85 25.78 -7.94 2.03
N ASP B 86 27.05 -7.88 2.44
CA ASP B 86 27.59 -8.62 3.57
C ASP B 86 26.73 -8.46 4.85
N ALA B 87 26.05 -7.31 4.93
CA ALA B 87 25.19 -6.97 6.05
C ALA B 87 23.94 -7.86 6.19
N VAL B 88 23.54 -8.47 5.07
CA VAL B 88 22.43 -9.43 5.02
C VAL B 88 22.90 -10.83 5.42
N ASP B 89 22.29 -11.45 6.43
CA ASP B 89 22.67 -12.82 6.83
C ASP B 89 21.85 -13.87 6.14
N ILE B 90 20.53 -13.68 6.19
CA ILE B 90 19.57 -14.56 5.56
C ILE B 90 18.93 -13.82 4.40
N PRO B 91 19.44 -14.06 3.18
CA PRO B 91 18.86 -13.42 2.01
C PRO B 91 17.66 -14.22 1.55
N ILE B 92 16.48 -13.59 1.49
CA ILE B 92 15.28 -14.24 0.98
C ILE B 92 14.96 -13.57 -0.34
N VAL B 93 15.13 -14.32 -1.44
CA VAL B 93 14.86 -13.88 -2.81
C VAL B 93 13.46 -14.38 -3.22
N THR B 94 12.58 -13.47 -3.61
CA THR B 94 11.13 -13.76 -3.65
C THR B 94 10.59 -14.12 -5.04
N GLY B 95 11.20 -13.57 -6.08
CA GLY B 95 10.83 -13.91 -7.45
C GLY B 95 9.46 -13.40 -7.82
N LEU B 96 8.88 -12.57 -6.95
CA LEU B 96 8.05 -11.47 -7.39
C LEU B 96 8.89 -10.31 -7.91
N GLY B 97 8.21 -9.05 -8.19
CA GLY B 97 8.92 -7.89 -8.71
C GLY B 97 9.22 -6.91 -7.61
N SER B 98 9.64 -5.71 -8.03
CA SER B 98 9.78 -4.54 -7.15
C SER B 98 8.67 -3.47 -7.41
N ALA B 99 7.57 -3.91 -8.05
CA ALA B 99 6.29 -3.19 -8.00
C ALA B 99 5.86 -2.97 -6.52
N ARG B 100 6.23 -3.96 -5.70
CA ARG B 100 6.24 -3.92 -4.23
C ARG B 100 7.56 -4.69 -3.98
N ASP B 101 8.18 -2.83 -2.77
CA ASP B 101 8.87 -3.32 -1.59
C ASP B 101 8.08 -4.44 -0.92
N ASN B 102 8.26 -5.66 -1.42
CA ASN B 102 8.23 -6.85 -0.58
C ASN B 102 9.57 -7.10 0.10
N ILE B 103 9.79 -6.45 1.24
CA ILE B 103 9.84 -7.15 2.52
C ILE B 103 8.43 -7.47 3.03
N ASN B 104 8.36 -8.28 4.08
CA ASN B 104 7.32 -9.29 4.21
C ASN B 104 6.62 -9.24 5.56
N ALA B 105 6.55 -8.05 6.14
CA ALA B 105 6.34 -7.89 7.60
C ALA B 105 5.16 -8.67 8.16
N LEU B 106 4.47 -9.47 7.15
CA LEU B 106 3.69 -10.47 7.95
C LEU B 106 4.58 -11.47 8.68
N SER B 107 5.84 -11.52 8.29
CA SER B 107 6.83 -12.32 9.00
C SER B 107 7.22 -11.60 10.29
N SER B 108 7.01 -10.30 10.37
CA SER B 108 7.53 -9.59 11.55
C SER B 108 6.54 -9.43 12.67
N ASN B 109 7.04 -9.29 13.88
CA ASN B 109 6.18 -9.07 15.08
C ASN B 109 5.70 -7.65 15.12
N VAL B 110 6.60 -6.72 14.80
CA VAL B 110 6.28 -5.28 14.68
C VAL B 110 6.92 -4.74 13.44
N LEU B 111 6.29 -3.73 12.84
CA LEU B 111 6.86 -3.05 11.67
C LEU B 111 7.13 -1.63 12.04
N VAL B 112 8.36 -1.19 11.67
CA VAL B 112 8.82 0.16 11.84
C VAL B 112 9.12 0.79 10.47
N ALA B 113 8.41 1.88 10.20
CA ALA B 113 8.62 2.71 9.04
C ALA B 113 9.44 3.88 9.50
N VAL B 114 10.61 4.03 8.88
CA VAL B 114 11.44 5.21 9.04
C VAL B 114 11.37 5.99 7.74
N GLY B 115 10.81 7.19 7.80
CA GLY B 115 10.59 7.98 6.62
C GLY B 115 9.41 7.47 5.88
N MET B 116 9.16 8.01 4.68
CA MET B 116 7.90 7.71 4.01
C MET B 116 7.96 7.99 2.56
N GLY B 117 7.12 7.29 1.81
CA GLY B 117 7.03 7.45 0.36
C GLY B 117 6.02 6.43 -0.10
N PRO B 118 5.79 6.34 -1.41
CA PRO B 118 4.72 5.40 -1.87
C PRO B 118 4.91 3.92 -1.46
N GLY B 119 6.13 3.41 -1.66
CA GLY B 119 6.43 2.01 -1.30
C GLY B 119 6.23 1.73 0.15
N THR B 120 6.70 2.66 0.97
CA THR B 120 6.58 2.56 2.41
C THR B 120 5.11 2.66 2.78
N ALA B 121 4.40 3.60 2.19
CA ALA B 121 3.01 3.81 2.50
C ALA B 121 2.21 2.57 2.22
N ALA B 122 2.56 1.82 1.16
CA ALA B 122 1.88 0.60 0.81
C ALA B 122 2.10 -0.46 1.83
N GLU B 123 3.27 -0.63 2.31
CA GLU B 123 3.63 -1.66 3.27
C GLU B 123 3.12 -1.36 4.67
N VAL B 124 3.14 -0.06 5.03
CA VAL B 124 2.45 0.33 6.27
C VAL B 124 0.94 0.03 6.15
N ALA B 125 0.30 0.40 5.06
CA ALA B 125 -1.14 0.13 4.91
C ALA B 125 -1.45 -1.37 4.91
N LEU B 126 -0.63 -2.17 4.26
CA LEU B 126 -0.78 -3.63 4.26
C LEU B 126 -0.59 -4.31 5.61
N ALA B 127 0.35 -3.83 6.41
CA ALA B 127 0.51 -4.35 7.79
C ALA B 127 -0.76 -4.11 8.58
N LEU B 128 -1.32 -2.91 8.47
CA LEU B 128 -2.49 -2.49 9.17
C LEU B 128 -3.68 -3.29 8.75
N LYS B 129 -3.78 -3.54 7.45
CA LYS B 129 -4.79 -4.43 6.90
C LYS B 129 -4.70 -5.84 7.50
N ALA B 130 -3.47 -6.26 7.80
CA ALA B 130 -3.24 -7.56 8.41
C ALA B 130 -3.25 -7.42 9.93
N LYS B 131 -3.78 -6.29 10.42
CA LYS B 131 -3.94 -6.08 11.87
C LYS B 131 -2.58 -6.16 12.57
N LYS B 132 -1.54 -5.63 11.94
CA LYS B 132 -0.23 -5.63 12.61
C LYS B 132 0.06 -4.21 13.06
N PRO B 133 0.68 -4.05 14.25
CA PRO B 133 1.08 -2.73 14.67
C PRO B 133 2.29 -2.15 13.87
N VAL B 134 2.26 -0.85 13.66
CA VAL B 134 3.28 -0.17 12.94
C VAL B 134 3.69 1.04 13.79
N VAL B 135 5.01 1.24 13.82
CA VAL B 135 5.63 2.33 14.52
C VAL B 135 6.13 3.22 13.44
N LEU B 136 5.76 4.48 13.53
CA LEU B 136 6.08 5.50 12.53
C LEU B 136 7.11 6.47 13.09
N LEU B 137 8.27 6.49 12.44
CA LEU B 137 9.39 7.29 12.89
C LEU B 137 9.83 8.22 11.77
N GLY B 138 9.83 9.52 12.03
CA GLY B 138 10.30 10.54 11.06
C GLY B 138 9.43 10.54 9.79
N THR B 139 8.21 10.08 9.96
CA THR B 139 7.27 10.27 8.91
C THR B 139 6.64 11.67 9.27
N GLN B 140 6.18 12.37 8.28
CA GLN B 140 5.73 13.72 8.52
C GLN B 140 4.36 13.64 9.18
N PRO B 141 3.86 14.77 9.66
CA PRO B 141 2.47 14.84 10.20
C PRO B 141 1.35 14.26 9.37
N GLU B 142 1.38 14.40 8.06
CA GLU B 142 0.29 13.84 7.24
C GLU B 142 0.27 12.33 7.23
N ALA B 143 1.45 11.72 7.12
CA ALA B 143 1.56 10.27 7.25
C ALA B 143 0.95 9.81 8.57
N GLU B 144 1.41 10.42 9.66
CA GLU B 144 1.01 10.03 10.99
C GLU B 144 -0.52 10.16 11.19
N LYS B 145 -1.06 11.32 10.85
CA LYS B 145 -2.49 11.58 10.92
C LYS B 145 -3.30 10.64 10.04
N PHE B 146 -2.85 10.45 8.81
CA PHE B 146 -3.52 9.54 7.88
C PHE B 146 -3.56 8.06 8.34
N PHE B 147 -2.42 7.50 8.73
CA PHE B 147 -2.39 6.11 9.13
C PHE B 147 -3.15 5.91 10.39
N THR B 148 -2.96 6.83 11.33
CA THR B 148 -3.81 6.93 12.50
C THR B 148 -5.28 6.91 12.12
N SER B 149 -5.63 7.56 11.01
CA SER B 149 -7.03 7.58 10.54
C SER B 149 -7.48 6.23 10.06
N LEU B 150 -6.56 5.41 9.54
CA LEU B 150 -6.93 4.04 9.12
C LEU B 150 -7.13 3.07 10.26
N ASP B 151 -6.35 3.20 11.32
CA ASP B 151 -6.40 2.27 12.45
C ASP B 151 -5.57 2.82 13.60
N ALA B 152 -6.26 3.60 14.45
CA ALA B 152 -5.66 4.30 15.55
C ALA B 152 -5.05 3.37 16.61
N GLY B 153 -5.61 2.19 16.77
CA GLY B 153 -5.10 1.26 17.77
C GLY B 153 -3.83 0.52 17.36
N LEU B 154 -3.57 0.46 16.06
CA LEU B 154 -2.38 -0.22 15.52
C LEU B 154 -1.22 0.67 15.10
N VAL B 155 -1.43 2.00 15.06
CA VAL B 155 -0.42 2.97 14.65
C VAL B 155 0.22 3.65 15.83
N HIS B 156 1.54 3.65 15.91
CA HIS B 156 2.23 4.27 17.02
C HIS B 156 3.23 5.26 16.46
N VAL B 157 3.04 6.54 16.71
CA VAL B 157 3.98 7.56 16.27
C VAL B 157 5.13 7.61 17.27
N ALA B 158 6.35 7.57 16.73
CA ALA B 158 7.58 7.68 17.53
C ALA B 158 8.29 8.97 17.17
N ALA B 159 8.72 9.66 18.23
CA ALA B 159 9.44 10.93 18.14
C ALA B 159 10.89 10.72 17.70
N ASP B 160 11.48 9.59 18.07
CA ASP B 160 12.88 9.35 17.82
C ASP B 160 13.18 7.88 18.07
N VAL B 161 14.39 7.45 17.77
CA VAL B 161 14.68 6.04 17.80
C VAL B 161 14.23 5.40 19.13
N ALA B 162 14.49 6.07 20.26
CA ALA B 162 14.24 5.42 21.56
C ALA B 162 12.78 5.26 21.83
N GLY B 163 11.99 6.21 21.39
CA GLY B 163 10.58 6.06 21.48
C GLY B 163 10.04 4.95 20.62
N ALA B 164 10.61 4.80 19.44
CA ALA B 164 10.25 3.70 18.56
C ALA B 164 10.62 2.35 19.19
N ILE B 165 11.76 2.34 19.86
CA ILE B 165 12.18 1.12 20.53
C ILE B 165 11.24 0.83 21.68
N ALA B 166 10.84 1.84 22.43
CA ALA B 166 9.93 1.63 23.56
C ALA B 166 8.58 1.14 23.11
N ALA B 167 8.08 1.68 22.00
CA ALA B 167 6.83 1.23 21.43
C ALA B 167 6.94 -0.23 21.06
N VAL B 168 8.08 -0.61 20.45
CA VAL B 168 8.28 -1.96 20.00
C VAL B 168 8.27 -2.91 21.17
N LYS B 169 8.94 -2.51 22.26
CA LYS B 169 9.03 -3.31 23.47
C LYS B 169 7.67 -3.56 24.11
N GLN B 170 6.88 -2.49 24.23
CA GLN B 170 5.51 -2.58 24.66
C GLN B 170 4.68 -3.55 23.81
N LEU B 171 4.75 -3.43 22.50
CA LEU B 171 4.02 -4.35 21.64
C LEU B 171 4.47 -5.79 21.84
N LEU B 172 5.77 -6.00 21.96
CA LEU B 172 6.28 -7.34 22.26
C LEU B 172 5.82 -7.92 23.60
N ALA B 173 5.76 -7.10 24.65
CA ALA B 173 5.38 -7.55 25.99
C ALA B 173 3.90 -7.86 26.10
N LYS B 174 3.07 -7.20 25.29
CA LYS B 174 1.66 -7.61 25.09
C LYS B 174 1.62 -9.04 24.60
#